data_6A5N
#
_entry.id   6A5N
#
_cell.length_a   74.137
_cell.length_b   79.443
_cell.length_c   107.845
_cell.angle_alpha   90.00
_cell.angle_beta   90.00
_cell.angle_gamma   90.00
#
_symmetry.space_group_name_H-M   'P 21 21 21'
#
loop_
_entity.id
_entity.type
_entity.pdbx_description
1 polymer 'Histone-lysine N-methyltransferase, H3 lysine-9 specific SUVH6'
2 polymer "DNA (5'-D(*GP*AP*GP*TP*AP*CP*TP*(5CM)P*AP*GP*CP*AP*GP*T)-3')"
3 polymer "DNA (5'-D(*CP*AP*CP*TP*GP*CP*TP*GP*AP*GP*TP*AP*CP*T)-3')"
4 non-polymer 'ZINC ION'
5 water water
#
loop_
_entity_poly.entity_id
_entity_poly.type
_entity_poly.pdbx_seq_one_letter_code
_entity_poly.pdbx_strand_id
1 'polypeptide(L)'
;SSGDSSRNKVKETLRLFHGVCRKILQEDEAKPEDQRRKGKGLRIDFEASTILKRNGKFLNSGVHILGEVPGVEVGDEFQY
RMELNILGIHKPSQAGIDYMKYGKAKVATSIVASGGYDDHLDNSDVLTYTGQGGNVMQVKKKGEELKEPEDQKLITGNLA
LATSIEKQTPVRVIRGKHKSTHDKSKGGNYVYDGLYLVEKYWQQVGSHGMNVFKFQLRRIPGQPELSWVEVKKSKSKYRE
GLCKLDISEGKEQSPISAVNEIDDEKPPLFTYTVKLIYPDWCRPVPPKSCCCTTRCTEAEARVCACVEKNGGEIPYNFDG
AIVGAKPTIYECGPLCKCPSSCYLRVTQHGIKLPLEIFKTKSRGWGVRCLKSIPIGSFICEYVGELLEDSEAERRIGNDE
YLFDIGNRYDNSLAQGMSELMLGTQAGRSMAEGDESSGFTIDAASKGNVGRFINHSCSPNLYAQNVLYDHEDSRIPHVMF
FAQDNIPPLQELCYDYNYALDQVRDSKGNIKQKLCFCGAAVCRRRLY
;
A
2 'polydeoxyribonucleotide' (DG)(DA)(DG)(DT)(DA)(DC)(DT)(5CM)(DA)(DG)(DC)(DA)(DG)(DT) C
3 'polydeoxyribonucleotide' (DC)(DA)(DC)(DT)(DG)(DC)(DT)(DG)(DA)(DG)(DT)(DA)(DC)(DT) D
#
# COMPACT_ATOMS: atom_id res chain seq x y z
N GLY A 3 -19.15 3.72 10.71
CA GLY A 3 -17.88 4.33 11.10
C GLY A 3 -16.72 3.42 10.73
N ASP A 4 -16.75 2.24 11.30
CA ASP A 4 -15.91 1.15 10.84
C ASP A 4 -16.38 0.89 9.44
N SER A 5 -17.68 0.94 9.24
CA SER A 5 -18.24 0.68 7.95
C SER A 5 -17.68 1.69 6.99
N SER A 6 -17.56 2.92 7.43
CA SER A 6 -17.00 3.94 6.61
C SER A 6 -15.54 3.68 6.28
N ARG A 7 -14.80 3.17 7.23
CA ARG A 7 -13.38 2.96 7.02
C ARG A 7 -13.14 2.00 5.88
N ASN A 8 -13.89 0.91 5.88
CA ASN A 8 -13.78 -0.10 4.82
C ASN A 8 -14.20 0.40 3.45
N LYS A 9 -15.21 1.26 3.40
CA LYS A 9 -15.58 1.89 2.12
C LYS A 9 -14.42 2.72 1.55
N VAL A 10 -13.81 3.57 2.38
CA VAL A 10 -12.63 4.34 1.97
C VAL A 10 -11.50 3.43 1.47
N LYS A 11 -11.10 2.47 2.31
CA LYS A 11 -10.00 1.56 1.97
C LYS A 11 -10.24 0.84 0.65
N GLU A 12 -11.42 0.24 0.51
CA GLU A 12 -11.72 -0.48 -0.71
C GLU A 12 -11.82 0.47 -1.92
N THR A 13 -12.24 1.72 -1.68
CA THR A 13 -12.31 2.69 -2.76
C THR A 13 -10.91 3.01 -3.28
N LEU A 14 -9.97 3.20 -2.37
CA LEU A 14 -8.59 3.48 -2.77
C LEU A 14 -7.94 2.27 -3.44
N ARG A 15 -8.21 1.08 -2.90
CA ARG A 15 -7.76 -0.17 -3.51
C ARG A 15 -8.27 -0.31 -4.93
N LEU A 16 -9.55 -0.06 -5.13
CA LEU A 16 -10.12 -0.08 -6.46
C LEU A 16 -9.37 0.92 -7.34
N PHE A 17 -9.28 2.17 -6.92
CA PHE A 17 -8.58 3.19 -7.71
C PHE A 17 -7.17 2.78 -8.17
N HIS A 18 -6.37 2.28 -7.24
CA HIS A 18 -5.01 1.93 -7.56
C HIS A 18 -4.98 0.67 -8.44
N GLY A 19 -5.96 -0.22 -8.22
CA GLY A 19 -6.12 -1.41 -9.06
C GLY A 19 -6.31 -1.02 -10.51
N VAL A 20 -7.19 -0.05 -10.72
CA VAL A 20 -7.41 0.47 -12.06
C VAL A 20 -6.15 1.14 -12.61
N CYS A 21 -5.48 1.96 -11.78
CA CYS A 21 -4.22 2.59 -12.21
C CYS A 21 -3.25 1.55 -12.78
N ARG A 22 -2.95 0.53 -11.98
CA ARG A 22 -2.00 -0.50 -12.38
C ARG A 22 -2.51 -1.32 -13.58
N LYS A 23 -3.83 -1.41 -13.74
CA LYS A 23 -4.36 -2.06 -14.95
C LYS A 23 -4.04 -1.26 -16.22
N ILE A 24 -4.39 0.02 -16.20
CA ILE A 24 -4.09 0.91 -17.32
C ILE A 24 -2.59 0.87 -17.63
N LEU A 25 -1.79 0.87 -16.56
CA LEU A 25 -0.34 0.79 -16.71
C LEU A 25 0.10 -0.51 -17.38
N GLN A 26 -0.52 -1.63 -17.02
CA GLN A 26 -0.16 -2.92 -17.61
C GLN A 26 -0.52 -2.98 -19.08
N GLU A 27 -1.67 -2.39 -19.42
CA GLU A 27 -2.08 -2.33 -20.81
C GLU A 27 -1.05 -1.55 -21.62
N ASP A 28 -0.57 -0.43 -21.05
CA ASP A 28 0.46 0.34 -21.74
C ASP A 28 1.81 -0.39 -21.85
N GLU A 29 2.21 -1.07 -20.79
CA GLU A 29 3.47 -1.82 -20.80
C GLU A 29 3.40 -2.98 -21.76
N ALA A 30 2.18 -3.42 -22.05
CA ALA A 30 1.99 -4.50 -23.04
C ALA A 30 2.23 -4.03 -24.49
N LYS A 31 2.08 -2.73 -24.73
CA LYS A 31 2.31 -2.14 -26.05
C LYS A 31 3.82 -1.91 -26.24
N PRO A 32 4.29 -1.92 -27.49
CA PRO A 32 5.73 -1.76 -27.73
C PRO A 32 6.23 -0.37 -27.34
N GLU A 33 7.49 -0.29 -26.92
CA GLU A 33 8.19 0.95 -26.56
C GLU A 33 7.74 2.19 -27.33
N ASP A 34 7.69 2.04 -28.65
CA ASP A 34 7.41 3.13 -29.58
C ASP A 34 6.00 3.71 -29.52
N GLN A 35 4.99 2.90 -29.19
CA GLN A 35 3.62 3.39 -29.19
C GLN A 35 2.98 3.35 -27.81
N ARG A 36 3.84 3.31 -26.78
CA ARG A 36 3.36 3.39 -25.42
C ARG A 36 2.92 4.82 -25.12
N ARG A 37 1.81 5.01 -24.41
CA ARG A 37 1.32 6.34 -24.07
C ARG A 37 2.19 6.98 -22.99
N LYS A 38 2.83 6.12 -22.19
CA LYS A 38 3.73 6.61 -21.15
C LYS A 38 5.01 7.16 -21.76
N GLY A 39 5.39 8.36 -21.37
CA GLY A 39 6.49 9.04 -22.03
C GLY A 39 5.93 10.12 -22.94
N LYS A 40 4.66 9.99 -23.30
CA LYS A 40 4.05 10.90 -24.25
C LYS A 40 2.88 11.67 -23.64
N GLY A 41 2.88 11.78 -22.31
CA GLY A 41 1.90 12.58 -21.61
C GLY A 41 0.73 11.78 -21.07
N LEU A 42 1.02 10.66 -20.41
CA LEU A 42 -0.02 9.78 -19.90
C LEU A 42 -0.29 10.02 -18.41
N ARG A 43 -1.53 10.32 -18.07
CA ARG A 43 -1.92 10.44 -16.66
C ARG A 43 -2.84 9.30 -16.23
N ILE A 44 -2.28 8.27 -15.60
CA ILE A 44 -3.08 7.15 -15.14
C ILE A 44 -4.07 7.60 -14.06
N ASP A 45 -3.69 8.61 -13.26
CA ASP A 45 -4.58 9.12 -12.21
C ASP A 45 -5.89 9.67 -12.77
N PHE A 46 -5.82 10.42 -13.87
CA PHE A 46 -7.00 11.01 -14.48
C PHE A 46 -7.92 9.93 -15.05
N GLU A 47 -7.37 9.00 -15.84
CA GLU A 47 -8.16 7.94 -16.45
C GLU A 47 -8.77 7.00 -15.42
N ALA A 48 -7.97 6.55 -14.45
CA ALA A 48 -8.49 5.81 -13.31
C ALA A 48 -9.66 6.56 -12.65
N SER A 49 -9.42 7.82 -12.33
CA SER A 49 -10.45 8.68 -11.76
C SER A 49 -11.73 8.59 -12.58
N THR A 50 -11.62 8.89 -13.87
CA THR A 50 -12.77 8.96 -14.77
C THR A 50 -13.55 7.64 -14.81
N ILE A 51 -12.82 6.53 -14.82
CA ILE A 51 -13.43 5.21 -14.76
C ILE A 51 -14.21 5.03 -13.45
N LEU A 52 -13.62 5.41 -12.32
CA LEU A 52 -14.34 5.27 -11.06
C LEU A 52 -15.60 6.15 -11.04
N LYS A 53 -15.49 7.39 -11.49
CA LYS A 53 -16.62 8.32 -11.48
C LYS A 53 -17.73 7.83 -12.40
N ARG A 54 -17.36 7.16 -13.48
CA ARG A 54 -18.34 6.62 -14.41
C ARG A 54 -19.19 5.52 -13.78
N ASN A 55 -18.60 4.77 -12.86
CA ASN A 55 -19.30 3.66 -12.23
C ASN A 55 -19.81 4.04 -10.86
N GLY A 56 -19.86 5.35 -10.60
CA GLY A 56 -20.39 5.88 -9.36
C GLY A 56 -19.61 5.40 -8.15
N LYS A 57 -18.29 5.51 -8.23
CA LYS A 57 -17.40 4.96 -7.21
C LYS A 57 -16.79 6.06 -6.32
N PHE A 58 -16.99 7.33 -6.69
CA PHE A 58 -16.57 8.46 -5.84
C PHE A 58 -17.28 8.43 -4.48
N LEU A 59 -16.60 8.90 -3.44
CA LEU A 59 -17.21 9.08 -2.12
C LEU A 59 -17.52 10.55 -1.92
N ASN A 60 -18.56 10.85 -1.16
CA ASN A 60 -18.98 12.23 -0.89
C ASN A 60 -19.04 13.09 -2.15
N SER A 61 -19.63 12.55 -3.22
CA SER A 61 -19.68 13.26 -4.49
C SER A 61 -20.66 14.43 -4.43
N GLY A 62 -20.27 15.56 -4.99
CA GLY A 62 -21.15 16.71 -5.00
C GLY A 62 -21.33 17.45 -3.68
N VAL A 63 -20.50 17.13 -2.68
CA VAL A 63 -20.53 17.88 -1.42
C VAL A 63 -19.14 18.25 -0.94
N HIS A 64 -19.06 19.31 -0.14
CA HIS A 64 -17.85 19.61 0.61
C HIS A 64 -18.06 19.12 2.03
N ILE A 65 -17.03 18.50 2.59
CA ILE A 65 -17.02 18.07 3.97
C ILE A 65 -16.23 19.06 4.83
N LEU A 66 -16.83 19.50 5.93
CA LEU A 66 -16.14 20.33 6.91
C LEU A 66 -15.90 19.47 8.14
N GLY A 67 -14.66 19.45 8.63
CA GLY A 67 -14.33 18.67 9.80
C GLY A 67 -13.75 17.32 9.40
N GLU A 68 -14.26 16.26 10.01
CA GLU A 68 -13.73 14.94 9.74
C GLU A 68 -14.46 14.22 8.59
N VAL A 69 -13.73 13.82 7.55
CA VAL A 69 -14.31 12.91 6.57
C VAL A 69 -14.39 11.53 7.19
N PRO A 70 -15.62 10.96 7.27
CA PRO A 70 -15.81 9.64 7.86
C PRO A 70 -14.92 8.61 7.15
N GLY A 71 -14.23 7.77 7.92
CA GLY A 71 -13.39 6.73 7.35
C GLY A 71 -11.95 7.12 7.06
N VAL A 72 -11.66 8.43 7.08
CA VAL A 72 -10.29 8.90 6.86
C VAL A 72 -9.61 9.14 8.20
N GLU A 73 -8.48 8.47 8.43
CA GLU A 73 -7.76 8.58 9.70
C GLU A 73 -6.42 9.27 9.53
N VAL A 74 -5.95 9.91 10.60
CA VAL A 74 -4.65 10.57 10.64
C VAL A 74 -3.54 9.57 10.30
N GLY A 75 -2.66 9.94 9.37
CA GLY A 75 -1.57 9.06 9.00
C GLY A 75 -1.81 8.31 7.70
N ASP A 76 -3.00 8.47 7.13
CA ASP A 76 -3.34 7.82 5.86
C ASP A 76 -2.56 8.45 4.71
N GLU A 77 -2.12 7.61 3.78
CA GLU A 77 -1.20 8.04 2.73
C GLU A 77 -1.79 7.99 1.35
N PHE A 78 -1.43 8.95 0.51
CA PHE A 78 -1.90 8.98 -0.87
C PHE A 78 -0.70 9.18 -1.81
N GLN A 79 -0.89 8.90 -3.09
CA GLN A 79 0.20 9.07 -4.05
C GLN A 79 -0.22 10.20 -4.96
N TYR A 80 -1.53 10.29 -5.17
CA TYR A 80 -2.08 11.28 -6.08
C TYR A 80 -3.02 12.26 -5.38
N ARG A 81 -2.94 13.53 -5.77
CA ARG A 81 -3.90 14.53 -5.35
C ARG A 81 -5.31 14.10 -5.72
N MET A 82 -5.44 13.31 -6.77
CA MET A 82 -6.72 12.87 -7.26
C MET A 82 -7.50 11.94 -6.30
N GLU A 83 -6.75 11.19 -5.51
CA GLU A 83 -7.31 10.31 -4.49
C GLU A 83 -8.10 11.11 -3.46
N LEU A 84 -7.51 12.25 -3.05
CA LEU A 84 -8.19 13.20 -2.17
C LEU A 84 -9.54 13.60 -2.75
N ASN A 85 -9.58 13.82 -4.06
CA ASN A 85 -10.84 14.18 -4.70
C ASN A 85 -11.85 13.05 -4.66
N ILE A 86 -11.46 11.84 -5.08
CA ILE A 86 -12.45 10.75 -5.09
C ILE A 86 -12.96 10.47 -3.68
N LEU A 87 -12.14 10.76 -2.66
CA LEU A 87 -12.58 10.56 -1.28
C LEU A 87 -13.33 11.78 -0.68
N GLY A 88 -13.18 12.96 -1.29
CA GLY A 88 -13.85 14.15 -0.82
C GLY A 88 -13.04 14.88 0.23
N ILE A 89 -11.82 14.40 0.45
CA ILE A 89 -10.89 15.00 1.40
C ILE A 89 -10.52 16.41 0.97
N HIS A 90 -10.27 16.56 -0.34
CA HIS A 90 -9.81 17.78 -0.95
C HIS A 90 -10.23 17.71 -2.41
N LYS A 91 -11.12 18.63 -2.82
CA LYS A 91 -11.71 18.59 -4.15
C LYS A 91 -10.78 19.08 -5.29
N PRO A 92 -10.11 20.25 -5.13
CA PRO A 92 -9.28 20.71 -6.26
C PRO A 92 -8.16 19.72 -6.67
N SER A 93 -7.94 19.54 -7.97
CA SER A 93 -6.89 18.62 -8.42
C SER A 93 -5.49 19.18 -8.15
N GLN A 94 -5.36 20.50 -8.25
CA GLN A 94 -4.07 21.18 -8.11
C GLN A 94 -3.98 22.11 -6.89
N ALA A 95 -4.97 22.98 -6.73
CA ALA A 95 -4.88 24.10 -5.76
C ALA A 95 -4.74 23.65 -4.31
N GLY A 96 -3.99 24.43 -3.54
CA GLY A 96 -3.78 24.14 -2.13
C GLY A 96 -4.98 24.36 -1.22
N ILE A 97 -5.83 25.33 -1.55
CA ILE A 97 -6.93 25.66 -0.64
C ILE A 97 -8.31 25.26 -1.15
N ASP A 98 -9.03 24.48 -0.35
CA ASP A 98 -10.43 24.13 -0.61
C ASP A 98 -11.34 24.76 0.46
N TYR A 99 -12.45 25.34 0.00
CA TYR A 99 -13.37 26.06 0.89
C TYR A 99 -14.84 25.82 0.54
N MET A 100 -15.73 26.19 1.46
CA MET A 100 -17.17 26.02 1.23
C MET A 100 -18.00 27.08 1.97
N LYS A 101 -19.29 27.11 1.68
CA LYS A 101 -20.18 28.03 2.35
C LYS A 101 -20.41 27.59 3.80
N TYR A 102 -20.24 28.52 4.73
CA TYR A 102 -20.58 28.28 6.13
C TYR A 102 -21.37 29.51 6.60
N GLY A 103 -22.66 29.51 6.29
CA GLY A 103 -23.43 30.74 6.40
C GLY A 103 -23.29 31.47 5.08
N LYS A 104 -23.36 32.79 5.13
CA LYS A 104 -23.19 33.58 3.92
C LYS A 104 -21.70 33.72 3.62
N ALA A 105 -20.87 33.46 4.63
CA ALA A 105 -19.41 33.55 4.51
C ALA A 105 -18.78 32.23 3.98
N LYS A 106 -17.52 32.28 3.57
CA LYS A 106 -16.85 31.06 3.10
C LYS A 106 -15.66 30.72 3.96
N VAL A 107 -15.54 29.44 4.32
CA VAL A 107 -14.44 29.00 5.19
C VAL A 107 -13.68 27.83 4.56
N ALA A 108 -12.41 27.71 4.93
CA ALA A 108 -11.53 26.69 4.41
C ALA A 108 -11.92 25.29 4.88
N THR A 109 -12.15 24.37 3.94
CA THR A 109 -12.36 22.98 4.31
C THR A 109 -11.03 22.27 4.50
N SER A 110 -10.09 22.53 3.60
CA SER A 110 -8.84 21.76 3.64
C SER A 110 -7.70 22.44 2.90
N ILE A 111 -6.48 22.21 3.36
CA ILE A 111 -5.28 22.73 2.68
C ILE A 111 -4.25 21.63 2.36
N VAL A 112 -3.43 21.92 1.35
CA VAL A 112 -2.33 21.07 0.94
C VAL A 112 -1.04 21.85 0.98
N ALA A 113 -0.10 21.44 1.84
CA ALA A 113 1.23 22.05 1.88
C ALA A 113 2.28 21.11 1.25
N SER A 114 2.53 21.33 -0.04
CA SER A 114 3.39 20.47 -0.86
C SER A 114 4.80 20.99 -1.05
N GLY A 115 5.11 22.16 -0.51
CA GLY A 115 6.41 22.77 -0.74
C GLY A 115 6.51 23.60 -1.99
N GLY A 116 5.35 24.00 -2.53
CA GLY A 116 5.31 24.89 -3.68
C GLY A 116 5.68 26.31 -3.31
N TYR A 117 5.07 26.82 -2.23
CA TYR A 117 5.46 28.11 -1.67
C TYR A 117 6.42 27.84 -0.51
N ASP A 118 6.83 28.88 0.21
CA ASP A 118 7.71 28.67 1.37
C ASP A 118 6.87 28.55 2.64
N ASP A 119 6.19 27.44 2.76
CA ASP A 119 5.46 27.09 3.98
C ASP A 119 6.43 26.75 5.10
N HIS A 120 5.99 26.88 6.33
CA HIS A 120 6.84 26.48 7.40
C HIS A 120 6.06 25.48 8.18
N LEU A 121 6.59 24.28 8.27
CA LEU A 121 5.92 23.20 8.95
C LEU A 121 6.81 22.72 10.03
N ASP A 122 7.58 23.63 10.60
CA ASP A 122 8.69 23.21 11.44
C ASP A 122 8.29 22.40 12.70
N ASN A 123 7.26 22.84 13.43
CA ASN A 123 6.84 22.11 14.62
C ASN A 123 5.78 21.12 14.29
N SER A 124 5.62 20.15 15.17
CA SER A 124 4.52 19.24 15.10
C SER A 124 3.24 20.02 15.31
N ASP A 125 3.28 20.89 16.32
CA ASP A 125 2.15 21.67 16.77
C ASP A 125 1.57 22.74 15.85
N VAL A 126 2.41 23.50 15.18
CA VAL A 126 1.97 24.70 14.53
C VAL A 126 2.50 24.75 13.13
N LEU A 127 1.76 25.37 12.25
CA LEU A 127 2.16 25.39 10.84
C LEU A 127 1.95 26.80 10.28
N THR A 128 2.88 27.29 9.47
CA THR A 128 2.68 28.57 8.78
C THR A 128 2.45 28.30 7.30
N TYR A 129 1.29 28.72 6.80
CA TYR A 129 0.86 28.41 5.44
C TYR A 129 0.77 29.67 4.60
N THR A 130 1.50 29.68 3.50
CA THR A 130 1.48 30.80 2.57
C THR A 130 0.18 30.83 1.78
N GLY A 131 -0.37 32.00 1.60
CA GLY A 131 -1.59 32.14 0.85
C GLY A 131 -1.30 31.86 -0.58
N GLN A 132 -2.30 31.99 -1.43
CA GLN A 132 -2.10 31.73 -2.84
C GLN A 132 -2.36 32.95 -3.68
N GLY A 133 -1.37 33.37 -4.44
CA GLY A 133 -1.55 34.49 -5.32
C GLY A 133 -0.46 34.50 -6.35
N GLY A 134 -0.65 35.21 -7.46
CA GLY A 134 0.20 35.06 -8.61
C GLY A 134 1.67 35.30 -8.32
N ASN A 135 2.46 34.37 -8.82
CA ASN A 135 3.87 34.32 -8.51
C ASN A 135 4.74 33.95 -9.73
N PRO A 149 3.80 40.03 -11.81
CA PRO A 149 3.89 39.97 -10.34
C PRO A 149 2.99 40.98 -9.64
N GLU A 150 1.94 40.49 -8.99
CA GLU A 150 1.00 41.35 -8.27
C GLU A 150 1.04 40.99 -6.78
N ASP A 151 0.50 41.87 -5.94
CA ASP A 151 0.33 41.53 -4.54
C ASP A 151 -0.73 40.46 -4.43
N GLN A 152 -0.63 39.60 -3.43
CA GLN A 152 -1.65 38.58 -3.22
C GLN A 152 -2.96 39.25 -2.85
N LYS A 153 -4.07 38.77 -3.40
CA LYS A 153 -5.38 39.33 -3.08
C LYS A 153 -6.11 38.46 -2.05
N LEU A 154 -6.85 39.11 -1.14
CA LEU A 154 -7.59 38.41 -0.10
C LEU A 154 -8.97 37.99 -0.62
N ILE A 155 -8.97 37.06 -1.56
CA ILE A 155 -10.20 36.51 -2.15
C ILE A 155 -10.20 35.00 -2.04
N THR A 156 -11.27 34.36 -2.49
CA THR A 156 -11.36 32.90 -2.61
C THR A 156 -10.74 32.13 -1.44
N GLY A 157 -9.66 31.40 -1.74
CA GLY A 157 -8.98 30.60 -0.73
C GLY A 157 -8.35 31.38 0.40
N ASN A 158 -7.64 32.45 0.07
CA ASN A 158 -6.99 33.27 1.07
C ASN A 158 -8.04 33.89 2.00
N LEU A 159 -9.10 34.42 1.40
CA LEU A 159 -10.24 34.94 2.16
C LEU A 159 -10.87 33.87 3.02
N ALA A 160 -11.01 32.66 2.48
CA ALA A 160 -11.67 31.60 3.21
C ALA A 160 -10.85 31.19 4.43
N LEU A 161 -9.53 31.12 4.25
CA LEU A 161 -8.63 30.81 5.36
C LEU A 161 -8.65 31.93 6.39
N ALA A 162 -8.88 33.16 5.94
CA ALA A 162 -9.01 34.27 6.87
C ALA A 162 -10.31 34.20 7.68
N THR A 163 -11.40 33.83 6.99
CA THR A 163 -12.72 33.76 7.59
C THR A 163 -12.78 32.64 8.62
N SER A 164 -12.13 31.51 8.31
CA SER A 164 -11.97 30.38 9.21
C SER A 164 -11.47 30.78 10.61
N ILE A 165 -10.78 31.90 10.71
CA ILE A 165 -10.28 32.36 12.01
C ILE A 165 -11.42 32.85 12.89
N GLU A 166 -12.29 33.69 12.34
CA GLU A 166 -13.46 34.18 13.09
C GLU A 166 -14.44 33.05 13.35
N LYS A 167 -14.70 32.25 12.33
CA LYS A 167 -15.68 31.19 12.49
C LYS A 167 -15.18 30.06 13.39
N GLN A 168 -13.86 29.99 13.60
CA GLN A 168 -13.23 28.92 14.38
C GLN A 168 -13.60 27.52 13.89
N THR A 169 -13.70 27.38 12.57
CA THR A 169 -14.01 26.09 11.93
C THR A 169 -12.72 25.38 11.47
N PRO A 170 -12.61 24.09 11.81
CA PRO A 170 -11.36 23.35 11.58
C PRO A 170 -11.04 23.19 10.10
N VAL A 171 -9.78 22.90 9.82
CA VAL A 171 -9.26 22.76 8.47
C VAL A 171 -8.48 21.45 8.38
N ARG A 172 -8.75 20.65 7.35
CA ARG A 172 -7.97 19.44 7.12
C ARG A 172 -6.62 19.84 6.53
N VAL A 173 -5.54 19.32 7.13
CA VAL A 173 -4.18 19.52 6.63
C VAL A 173 -3.60 18.20 6.10
N ILE A 174 -3.32 18.21 4.79
CA ILE A 174 -2.51 17.22 4.09
C ILE A 174 -1.14 17.81 3.79
N ARG A 175 -0.06 17.19 4.27
CA ARG A 175 1.27 17.60 3.83
C ARG A 175 1.81 16.62 2.78
N GLY A 176 2.31 17.15 1.67
CA GLY A 176 2.98 16.30 0.68
C GLY A 176 4.48 16.39 0.91
N LYS A 177 5.24 15.34 0.60
CA LYS A 177 6.69 15.32 0.80
C LYS A 177 7.30 16.17 -0.30
N HIS A 178 8.51 16.73 -0.17
CA HIS A 178 8.89 17.62 -1.29
C HIS A 178 9.07 16.80 -2.54
N LYS A 179 8.31 17.16 -3.56
CA LYS A 179 8.34 16.41 -4.79
C LYS A 179 9.54 16.83 -5.62
N SER A 180 10.57 15.96 -5.65
CA SER A 180 11.64 16.08 -6.64
C SER A 180 11.27 15.18 -7.83
N THR A 181 11.63 15.59 -9.05
CA THR A 181 11.35 14.76 -10.24
C THR A 181 12.46 13.72 -10.41
N HIS A 182 13.46 13.83 -9.53
CA HIS A 182 14.30 12.69 -9.15
C HIS A 182 13.40 11.49 -8.95
N ASP A 183 12.25 11.73 -8.30
CA ASP A 183 11.09 10.84 -8.29
C ASP A 183 11.43 9.36 -8.23
N LYS A 184 12.11 8.97 -7.16
CA LYS A 184 12.35 7.56 -6.85
C LYS A 184 11.01 6.83 -6.86
N SER A 185 9.98 7.47 -6.27
CA SER A 185 8.65 6.89 -6.16
C SER A 185 7.59 7.91 -5.75
N LYS A 186 6.32 7.50 -5.83
CA LYS A 186 5.20 8.30 -5.36
C LYS A 186 4.70 7.77 -4.01
N GLY A 187 5.44 6.81 -3.45
CA GLY A 187 5.12 6.29 -2.14
C GLY A 187 5.28 7.31 -1.03
N GLY A 188 4.18 7.58 -0.32
CA GLY A 188 4.17 8.53 0.78
C GLY A 188 4.09 9.97 0.31
N ASN A 189 3.43 10.18 -0.82
CA ASN A 189 3.39 11.49 -1.47
C ASN A 189 2.55 12.52 -0.74
N TYR A 190 1.47 12.04 -0.11
CA TYR A 190 0.61 12.88 0.72
C TYR A 190 0.20 12.14 1.99
N VAL A 191 0.33 12.82 3.14
CA VAL A 191 -0.16 12.31 4.43
C VAL A 191 -1.25 13.22 5.02
N TYR A 192 -2.40 12.65 5.33
CA TYR A 192 -3.44 13.37 6.07
C TYR A 192 -2.94 13.57 7.49
N ASP A 193 -2.60 14.83 7.84
CA ASP A 193 -2.07 15.11 9.16
C ASP A 193 -3.20 15.46 10.11
N GLY A 194 -4.29 16.00 9.58
CA GLY A 194 -5.48 16.06 10.42
C GLY A 194 -6.20 17.39 10.53
N LEU A 195 -6.60 17.75 11.74
CA LEU A 195 -7.47 18.91 11.91
C LEU A 195 -6.78 20.06 12.64
N TYR A 196 -6.87 21.25 12.04
CA TYR A 196 -6.21 22.44 12.56
C TYR A 196 -7.17 23.63 12.73
N LEU A 197 -6.86 24.54 13.65
CA LEU A 197 -7.58 25.82 13.71
C LEU A 197 -6.69 26.94 13.20
N VAL A 198 -7.27 27.84 12.41
CA VAL A 198 -6.55 29.02 11.94
C VAL A 198 -6.62 30.09 13.02
N GLU A 199 -5.46 30.59 13.46
CA GLU A 199 -5.37 31.46 14.62
C GLU A 199 -5.20 32.94 14.26
N LYS A 200 -4.28 33.23 13.35
CA LYS A 200 -4.01 34.61 12.94
C LYS A 200 -3.43 34.63 11.55
N TYR A 201 -3.49 35.79 10.90
CA TYR A 201 -2.90 35.92 9.57
C TYR A 201 -2.32 37.32 9.39
N TRP A 202 -1.19 37.40 8.70
CA TRP A 202 -0.51 38.68 8.46
C TRP A 202 -0.02 38.80 7.04
N GLN A 203 0.37 40.01 6.65
CA GLN A 203 0.91 40.25 5.33
C GLN A 203 2.44 40.37 5.46
N GLN A 204 3.17 39.87 4.49
CA GLN A 204 4.61 39.95 4.53
C GLN A 204 5.19 39.85 3.12
N VAL A 205 6.41 40.30 2.95
CA VAL A 205 6.99 40.31 1.62
C VAL A 205 7.51 38.96 1.31
N GLY A 206 7.14 38.47 0.14
CA GLY A 206 7.47 37.13 -0.27
C GLY A 206 8.28 37.21 -1.53
N SER A 207 9.06 36.19 -1.81
CA SER A 207 10.15 36.36 -2.71
C SER A 207 9.67 36.36 -4.13
N HIS A 208 8.88 37.38 -4.42
CA HIS A 208 8.73 37.95 -5.72
C HIS A 208 8.84 39.47 -5.63
N GLY A 209 9.07 39.97 -4.42
CA GLY A 209 9.10 41.40 -4.18
C GLY A 209 7.71 41.98 -4.03
N MET A 210 6.71 41.12 -3.94
CA MET A 210 5.36 41.58 -3.76
C MET A 210 4.86 40.95 -2.48
N ASN A 211 3.84 41.54 -1.87
CA ASN A 211 3.34 41.06 -0.59
C ASN A 211 2.64 39.70 -0.62
N VAL A 212 2.74 38.96 0.46
CA VAL A 212 2.22 37.60 0.54
C VAL A 212 1.48 37.42 1.86
N PHE A 213 0.36 36.69 1.84
CA PHE A 213 -0.38 36.38 3.07
C PHE A 213 0.23 35.16 3.76
N LYS A 214 0.11 35.13 5.09
CA LYS A 214 0.60 34.01 5.91
C LYS A 214 -0.43 33.64 6.96
N PHE A 215 -0.66 32.35 7.18
CA PHE A 215 -1.66 31.90 8.15
C PHE A 215 -1.05 30.94 9.17
N GLN A 216 -1.27 31.19 10.45
CA GLN A 216 -0.78 30.29 11.48
C GLN A 216 -1.89 29.32 11.84
N LEU A 217 -1.61 28.03 11.76
CA LEU A 217 -2.58 26.99 12.09
C LEU A 217 -2.06 26.16 13.24
N ARG A 218 -2.94 25.79 14.15
CA ARG A 218 -2.55 25.01 15.31
C ARG A 218 -3.31 23.71 15.28
N ARG A 219 -2.61 22.60 15.47
CA ARG A 219 -3.26 21.30 15.46
C ARG A 219 -4.18 21.21 16.68
N ILE A 220 -5.39 20.72 16.45
CA ILE A 220 -6.36 20.57 17.53
C ILE A 220 -5.89 19.40 18.40
N PRO A 221 -5.94 19.55 19.74
CA PRO A 221 -5.44 18.49 20.64
C PRO A 221 -6.27 17.20 20.57
N GLY A 222 -5.80 16.16 21.24
CA GLY A 222 -6.50 14.87 21.29
C GLY A 222 -6.55 14.04 20.01
N GLN A 223 -5.78 14.43 18.99
CA GLN A 223 -5.73 13.69 17.73
C GLN A 223 -4.63 12.63 17.76
N PRO A 224 -4.80 11.54 17.02
CA PRO A 224 -3.70 10.58 16.87
C PRO A 224 -2.45 11.30 16.37
N GLU A 225 -1.30 11.05 16.97
CA GLU A 225 -0.13 11.89 16.68
C GLU A 225 0.47 11.70 15.27
N LEU A 226 1.11 12.77 14.80
CA LEU A 226 1.67 12.83 13.44
C LEU A 226 2.66 11.69 13.19
N SER A 227 2.61 11.15 11.98
CA SER A 227 3.48 10.05 11.58
C SER A 227 4.95 10.47 11.39
N TRP A 228 5.19 11.65 10.82
CA TRP A 228 6.56 12.11 10.62
C TRP A 228 7.27 12.30 11.97
N VAL A 229 6.47 12.62 13.00
CA VAL A 229 6.96 12.72 14.37
C VAL A 229 7.30 11.32 14.90
N GLU A 230 6.74 10.29 14.28
CA GLU A 230 7.01 8.92 14.71
C GLU A 230 8.25 8.32 13.99
N VAL A 231 8.38 8.60 12.70
CA VAL A 231 9.66 8.31 12.03
C VAL A 231 10.75 9.07 12.78
N LYS A 232 10.45 10.30 13.21
CA LYS A 232 11.36 11.09 14.06
C LYS A 232 11.73 10.43 15.40
N LYS A 233 10.73 10.04 16.16
CA LYS A 233 11.01 9.48 17.48
C LYS A 233 11.83 8.27 17.26
N SER A 234 11.48 7.54 16.23
CA SER A 234 12.17 6.34 15.85
C SER A 234 13.60 6.52 15.38
N LYS A 235 13.81 7.49 14.52
CA LYS A 235 14.87 7.48 13.52
C LYS A 235 16.32 7.45 13.95
N SER A 236 16.65 8.19 15.00
CA SER A 236 18.00 8.71 15.14
C SER A 236 19.06 7.79 15.73
N LYS A 237 19.39 6.72 15.03
CA LYS A 237 20.68 6.09 15.24
C LYS A 237 20.79 5.38 16.61
N TYR A 238 20.45 6.12 17.67
CA TYR A 238 20.64 5.65 19.04
C TYR A 238 19.80 4.41 19.33
N ARG A 239 18.55 4.43 18.89
CA ARG A 239 17.78 3.23 18.68
C ARG A 239 17.85 2.33 19.90
N GLU A 240 17.71 2.89 21.09
CA GLU A 240 18.16 2.24 22.30
C GLU A 240 17.39 0.97 22.50
N GLY A 241 16.29 0.85 21.77
CA GLY A 241 15.42 -0.29 21.79
C GLY A 241 16.05 -1.51 21.13
N LEU A 242 17.19 -1.35 20.47
CA LEU A 242 17.81 -2.46 19.75
C LEU A 242 18.11 -3.67 20.62
N CYS A 243 17.62 -4.84 20.20
CA CYS A 243 17.93 -6.10 20.86
C CYS A 243 19.02 -6.80 20.04
N LYS A 244 18.85 -6.82 18.72
CA LYS A 244 19.88 -7.30 17.80
C LYS A 244 19.94 -6.43 16.54
N LEU A 245 21.13 -6.30 15.99
CA LEU A 245 21.27 -5.57 14.75
C LEU A 245 20.68 -6.29 13.58
N ASP A 246 20.96 -7.58 13.51
CA ASP A 246 20.52 -8.39 12.39
C ASP A 246 19.98 -9.72 12.85
N ILE A 247 18.68 -9.87 12.85
CA ILE A 247 18.08 -11.14 13.21
C ILE A 247 18.35 -12.27 12.20
N SER A 248 18.56 -11.88 10.95
CA SER A 248 18.98 -12.77 9.88
C SER A 248 20.41 -13.24 10.05
N GLU A 249 21.18 -12.54 10.85
CA GLU A 249 22.53 -12.94 11.10
C GLU A 249 23.28 -13.10 9.80
N GLY A 250 23.09 -12.14 8.91
CA GLY A 250 23.83 -12.04 7.66
C GLY A 250 23.29 -12.80 6.46
N LYS A 251 22.18 -13.48 6.64
CA LYS A 251 21.63 -14.29 5.57
C LYS A 251 20.74 -13.48 4.66
N GLU A 252 20.60 -12.21 4.97
CA GLU A 252 19.77 -11.32 4.19
C GLU A 252 20.59 -10.15 3.69
N GLN A 253 20.39 -9.78 2.45
CA GLN A 253 21.23 -8.77 1.81
C GLN A 253 21.28 -7.48 2.63
N SER A 254 20.32 -7.35 3.53
CA SER A 254 20.28 -6.26 4.50
C SER A 254 19.84 -6.76 5.87
N PRO A 255 20.48 -6.27 6.94
CA PRO A 255 20.11 -6.68 8.30
C PRO A 255 18.66 -6.35 8.66
N ILE A 256 18.00 -7.25 9.38
CA ILE A 256 16.70 -6.95 9.95
C ILE A 256 16.90 -6.84 11.45
N SER A 257 16.72 -5.62 11.97
CA SER A 257 16.92 -5.35 13.38
C SER A 257 15.68 -5.59 14.23
N ALA A 258 15.92 -5.82 15.52
CA ALA A 258 14.86 -6.08 16.46
C ALA A 258 14.87 -4.99 17.51
N VAL A 259 13.73 -4.34 17.73
CA VAL A 259 13.65 -3.31 18.74
C VAL A 259 12.52 -3.51 19.75
N ASN A 260 12.79 -3.07 20.96
CA ASN A 260 11.83 -3.08 22.05
C ASN A 260 12.06 -1.89 22.97
N GLU A 261 11.00 -1.14 23.25
CA GLU A 261 11.03 0.01 24.15
C GLU A 261 9.99 -0.19 25.25
N ILE A 262 9.54 -1.43 25.41
CA ILE A 262 8.50 -1.80 26.35
C ILE A 262 9.03 -2.82 27.38
N ASP A 263 10.31 -3.18 27.25
CA ASP A 263 10.89 -4.31 28.00
C ASP A 263 12.39 -4.47 27.69
N ASP A 264 13.02 -5.46 28.33
CA ASP A 264 14.35 -5.94 27.95
C ASP A 264 14.16 -7.36 27.38
N GLU A 265 12.98 -7.61 26.82
CA GLU A 265 12.71 -8.90 26.21
C GLU A 265 13.57 -9.10 24.98
N LYS A 266 14.32 -10.19 24.93
CA LYS A 266 15.00 -10.54 23.69
C LYS A 266 13.97 -11.23 22.78
N PRO A 267 14.11 -11.05 21.45
CA PRO A 267 13.21 -11.78 20.55
C PRO A 267 13.34 -13.29 20.75
N PRO A 268 12.25 -14.04 20.47
CA PRO A 268 12.28 -15.50 20.63
C PRO A 268 13.38 -16.19 19.79
N LEU A 269 13.80 -17.37 20.21
CA LEU A 269 14.93 -18.04 19.54
C LEU A 269 14.48 -18.97 18.42
N PHE A 270 15.18 -18.90 17.29
CA PHE A 270 14.87 -19.70 16.11
C PHE A 270 16.04 -19.70 15.14
N THR A 271 16.16 -20.75 14.35
CA THR A 271 17.16 -20.77 13.30
C THR A 271 16.62 -19.99 12.10
N TYR A 272 17.34 -18.97 11.66
CA TYR A 272 16.88 -18.16 10.54
C TYR A 272 17.14 -18.88 9.22
N THR A 273 16.17 -18.84 8.32
CA THR A 273 16.35 -19.44 7.00
C THR A 273 15.77 -18.55 5.90
N VAL A 274 16.38 -18.58 4.73
CA VAL A 274 15.89 -17.82 3.58
C VAL A 274 15.32 -18.77 2.52
N LYS A 275 15.76 -20.03 2.53
CA LYS A 275 15.23 -21.03 1.59
C LYS A 275 14.25 -22.00 2.24
N LEU A 276 13.25 -22.43 1.46
CA LEU A 276 12.22 -23.34 1.92
C LEU A 276 12.76 -24.76 2.12
N ILE A 277 12.41 -25.38 3.25
CA ILE A 277 12.79 -26.78 3.51
C ILE A 277 11.66 -27.72 3.08
N TYR A 278 11.87 -28.38 1.95
CA TYR A 278 10.92 -29.37 1.45
C TYR A 278 11.20 -30.69 2.15
N PRO A 279 10.21 -31.57 2.22
CA PRO A 279 10.55 -32.90 2.76
C PRO A 279 11.41 -33.68 1.79
N ASP A 280 11.85 -34.86 2.19
CA ASP A 280 12.68 -35.71 1.34
C ASP A 280 11.90 -36.32 0.17
N TRP A 281 10.62 -36.61 0.41
CA TRP A 281 9.77 -37.30 -0.56
C TRP A 281 9.22 -36.40 -1.65
N CYS A 282 9.17 -35.10 -1.37
CA CYS A 282 8.59 -34.17 -2.33
C CYS A 282 9.43 -34.13 -3.61
N ARG A 283 8.89 -34.74 -4.66
CA ARG A 283 9.56 -34.92 -5.94
C ARG A 283 10.26 -33.67 -6.45
N PRO A 284 11.47 -33.82 -6.97
CA PRO A 284 12.02 -32.68 -7.72
C PRO A 284 11.30 -32.52 -9.05
N VAL A 285 10.62 -31.39 -9.27
CA VAL A 285 9.97 -31.17 -10.57
C VAL A 285 10.43 -29.87 -11.23
N PRO A 286 11.49 -29.94 -12.05
CA PRO A 286 11.87 -28.79 -12.88
C PRO A 286 10.71 -28.35 -13.77
N PRO A 287 10.61 -27.05 -14.06
CA PRO A 287 9.50 -26.52 -14.86
C PRO A 287 9.91 -26.12 -16.27
N LYS A 288 8.94 -26.04 -17.17
CA LYS A 288 9.17 -25.46 -18.49
C LYS A 288 9.67 -24.01 -18.32
N SER A 289 10.62 -23.60 -19.16
CA SER A 289 11.28 -22.28 -19.07
C SER A 289 11.14 -21.49 -20.37
N CYS A 290 11.42 -20.18 -20.34
CA CYS A 290 11.38 -19.36 -21.55
C CYS A 290 12.76 -19.22 -22.16
N CYS A 291 12.81 -18.77 -23.42
CA CYS A 291 14.06 -18.66 -24.16
C CYS A 291 14.46 -17.21 -24.46
N CYS A 292 13.84 -16.25 -23.78
CA CYS A 292 14.02 -14.85 -24.11
C CYS A 292 15.45 -14.32 -23.84
N THR A 293 15.99 -13.60 -24.82
CA THR A 293 17.31 -12.96 -24.72
C THR A 293 17.22 -11.76 -23.78
N THR A 294 16.22 -10.93 -24.03
CA THR A 294 15.96 -9.72 -23.26
C THR A 294 14.97 -9.98 -22.11
N ARG A 295 14.48 -8.92 -21.48
CA ARG A 295 13.49 -9.03 -20.40
C ARG A 295 12.14 -9.49 -20.93
N CYS A 296 11.45 -10.33 -20.16
CA CYS A 296 10.20 -10.92 -20.63
C CYS A 296 9.06 -9.94 -20.49
N THR A 297 8.51 -9.53 -21.62
CA THR A 297 7.38 -8.61 -21.63
C THR A 297 6.40 -9.05 -22.68
N GLU A 298 5.18 -8.59 -22.56
CA GLU A 298 4.17 -8.79 -23.59
C GLU A 298 4.52 -7.93 -24.81
N ALA A 299 5.25 -6.85 -24.58
CA ALA A 299 5.64 -5.93 -25.64
C ALA A 299 6.45 -6.58 -26.78
N GLU A 300 7.36 -7.50 -26.44
CA GLU A 300 8.27 -8.11 -27.42
C GLU A 300 7.58 -8.85 -28.57
N ALA A 301 8.22 -8.84 -29.74
CA ALA A 301 7.71 -9.59 -30.90
C ALA A 301 7.68 -11.09 -30.62
N ARG A 302 8.77 -11.60 -30.06
CA ARG A 302 8.82 -13.00 -29.68
C ARG A 302 8.01 -13.26 -28.43
N VAL A 303 7.21 -14.33 -28.48
CA VAL A 303 6.41 -14.76 -27.35
C VAL A 303 7.26 -15.47 -26.31
N CYS A 304 6.91 -15.29 -25.04
CA CYS A 304 7.60 -15.87 -23.89
C CYS A 304 6.77 -16.94 -23.21
N ALA A 305 7.32 -18.13 -23.04
CA ALA A 305 6.57 -19.24 -22.46
C ALA A 305 6.01 -18.94 -21.05
N CYS A 306 6.72 -18.12 -20.26
CA CYS A 306 6.28 -17.83 -18.91
C CYS A 306 5.15 -16.79 -18.90
N VAL A 307 5.20 -15.85 -19.84
CA VAL A 307 4.07 -14.96 -20.11
C VAL A 307 2.81 -15.78 -20.47
N GLU A 308 2.91 -16.62 -21.50
CA GLU A 308 1.81 -17.51 -21.86
C GLU A 308 1.31 -18.29 -20.65
N LYS A 309 2.24 -18.78 -19.81
CA LYS A 309 1.84 -19.45 -18.57
C LYS A 309 1.00 -18.55 -17.66
N ASN A 310 1.34 -17.26 -17.56
CA ASN A 310 0.56 -16.32 -16.76
C ASN A 310 -0.74 -15.86 -17.43
N GLY A 311 -1.21 -16.59 -18.44
CA GLY A 311 -2.44 -16.25 -19.11
C GLY A 311 -2.29 -15.18 -20.17
N GLY A 312 -1.08 -14.98 -20.68
CA GLY A 312 -0.86 -13.94 -21.67
C GLY A 312 -0.85 -12.53 -21.12
N GLU A 313 -0.28 -12.33 -19.93
CA GLU A 313 -0.17 -11.02 -19.31
C GLU A 313 0.94 -10.99 -18.26
N ILE A 314 1.70 -9.90 -18.22
CA ILE A 314 2.64 -9.70 -17.13
C ILE A 314 1.83 -9.33 -15.89
N PRO A 315 1.88 -10.18 -14.86
CA PRO A 315 1.13 -9.95 -13.62
C PRO A 315 1.80 -8.89 -12.74
N TYR A 316 2.92 -8.33 -13.24
CA TYR A 316 3.62 -7.26 -12.55
C TYR A 316 3.75 -6.01 -13.41
N ASN A 317 3.76 -4.84 -12.75
CA ASN A 317 4.15 -3.60 -13.42
C ASN A 317 5.66 -3.60 -13.51
N PHE A 318 6.23 -2.72 -14.34
CA PHE A 318 7.68 -2.72 -14.53
C PHE A 318 8.45 -2.36 -13.23
N ASP A 319 7.87 -1.53 -12.37
CA ASP A 319 8.47 -1.19 -11.06
C ASP A 319 8.41 -2.37 -10.07
N GLY A 320 7.65 -3.41 -10.42
CA GLY A 320 7.60 -4.59 -9.56
C GLY A 320 6.31 -4.80 -8.79
N ALA A 321 5.41 -3.83 -8.83
CA ALA A 321 4.11 -3.96 -8.16
C ALA A 321 3.28 -5.08 -8.78
N ILE A 322 2.64 -5.90 -7.95
CA ILE A 322 1.71 -6.87 -8.46
C ILE A 322 0.51 -6.12 -9.01
N VAL A 323 0.05 -6.52 -10.20
CA VAL A 323 -1.07 -5.82 -10.84
C VAL A 323 -2.39 -6.15 -10.12
N GLY A 324 -2.70 -7.44 -10.06
CA GLY A 324 -3.87 -7.90 -9.34
C GLY A 324 -3.62 -9.24 -8.69
N ALA A 325 -4.37 -9.55 -7.64
CA ALA A 325 -4.32 -10.89 -7.05
C ALA A 325 -4.64 -11.94 -8.11
N LYS A 326 -4.01 -13.10 -8.00
CA LYS A 326 -4.30 -14.20 -8.91
C LYS A 326 -4.23 -15.49 -8.14
N PRO A 327 -4.84 -16.56 -8.68
CA PRO A 327 -4.71 -17.86 -8.02
C PRO A 327 -3.24 -18.25 -7.93
N THR A 328 -2.53 -18.15 -9.05
CA THR A 328 -1.11 -18.48 -9.10
C THR A 328 -0.30 -17.52 -10.00
N ILE A 329 0.84 -17.04 -9.50
CA ILE A 329 1.72 -16.22 -10.33
C ILE A 329 2.99 -16.98 -10.71
N TYR A 330 3.27 -17.06 -12.00
CA TYR A 330 4.45 -17.77 -12.52
C TYR A 330 5.62 -16.81 -12.78
N GLU A 331 6.70 -16.96 -12.02
CA GLU A 331 7.91 -16.20 -12.29
C GLU A 331 8.94 -17.00 -13.14
N CYS A 332 9.81 -16.29 -13.86
CA CYS A 332 10.84 -16.93 -14.67
C CYS A 332 11.79 -17.72 -13.77
N GLY A 333 12.07 -18.96 -14.17
CA GLY A 333 12.90 -19.83 -13.35
C GLY A 333 14.40 -19.70 -13.59
N PRO A 334 15.19 -20.53 -12.88
CA PRO A 334 16.65 -20.63 -12.96
C PRO A 334 17.12 -21.06 -14.34
N LEU A 335 16.27 -21.79 -15.05
CA LEU A 335 16.63 -22.30 -16.38
C LEU A 335 15.96 -21.49 -17.49
N CYS A 336 15.34 -20.37 -17.12
CA CYS A 336 14.97 -19.33 -18.07
C CYS A 336 16.24 -18.56 -18.45
N LYS A 337 16.28 -17.97 -19.64
CA LYS A 337 17.53 -17.37 -20.16
C LYS A 337 17.60 -15.84 -20.07
N CYS A 338 16.54 -15.27 -19.52
CA CYS A 338 16.35 -13.83 -19.32
C CYS A 338 17.22 -13.24 -18.22
N PRO A 339 17.64 -11.97 -18.36
CA PRO A 339 18.41 -11.27 -17.33
C PRO A 339 17.66 -11.17 -15.99
N SER A 340 18.36 -11.05 -14.87
CA SER A 340 17.71 -10.97 -13.56
C SER A 340 16.83 -9.75 -13.44
N SER A 341 17.03 -8.78 -14.32
CA SER A 341 16.20 -7.57 -14.32
C SER A 341 14.86 -7.79 -15.00
N CYS A 342 14.64 -9.00 -15.50
CA CYS A 342 13.34 -9.37 -16.09
C CYS A 342 12.18 -9.06 -15.15
N TYR A 343 11.12 -8.48 -15.70
CA TYR A 343 10.01 -7.99 -14.90
C TYR A 343 9.29 -9.17 -14.26
N LEU A 344 9.48 -10.35 -14.85
CA LEU A 344 8.87 -11.57 -14.32
C LEU A 344 9.78 -12.21 -13.27
N ARG A 345 10.73 -11.42 -12.77
CA ARG A 345 11.48 -11.76 -11.56
C ARG A 345 11.26 -10.70 -10.49
N VAL A 346 10.47 -11.01 -9.47
CA VAL A 346 10.25 -10.04 -8.37
C VAL A 346 10.43 -10.68 -7.00
N THR A 347 9.67 -11.72 -6.70
CA THR A 347 9.70 -12.30 -5.36
C THR A 347 10.92 -13.17 -5.12
N GLN A 348 11.49 -13.71 -6.20
CA GLN A 348 12.71 -14.51 -6.09
C GLN A 348 13.90 -13.69 -5.65
N HIS A 349 13.87 -12.40 -5.94
CA HIS A 349 14.98 -11.51 -5.59
C HIS A 349 15.06 -11.20 -4.09
N GLY A 350 14.06 -11.62 -3.32
CA GLY A 350 14.09 -11.44 -1.88
C GLY A 350 13.70 -10.07 -1.39
N ILE A 351 13.90 -9.85 -0.10
CA ILE A 351 13.44 -8.64 0.56
C ILE A 351 14.21 -7.41 0.07
N LYS A 352 13.46 -6.38 -0.36
CA LYS A 352 14.03 -5.14 -0.88
C LYS A 352 13.43 -3.95 -0.14
N LEU A 353 12.98 -4.20 1.09
CA LEU A 353 12.48 -3.13 1.96
C LEU A 353 13.20 -3.13 3.31
N PRO A 354 13.28 -1.96 3.95
CA PRO A 354 13.84 -1.94 5.31
C PRO A 354 12.82 -2.48 6.29
N LEU A 355 13.03 -3.69 6.79
CA LEU A 355 12.11 -4.27 7.76
C LEU A 355 12.74 -4.38 9.14
N GLU A 356 11.91 -4.31 10.17
CA GLU A 356 12.39 -4.59 11.53
C GLU A 356 11.28 -5.29 12.32
N ILE A 357 11.69 -6.10 13.29
CA ILE A 357 10.71 -6.71 14.18
C ILE A 357 10.70 -5.96 15.50
N PHE A 358 9.53 -5.80 16.09
CA PHE A 358 9.41 -4.98 17.27
C PHE A 358 8.43 -5.58 18.24
N LYS A 359 8.66 -5.36 19.52
CA LYS A 359 7.70 -5.75 20.54
C LYS A 359 6.49 -4.83 20.55
N THR A 360 5.32 -5.41 20.73
CA THR A 360 4.05 -4.72 20.72
C THR A 360 3.45 -4.89 22.09
N LYS A 361 2.69 -3.92 22.58
CA LYS A 361 2.19 -4.04 23.93
C LYS A 361 1.27 -5.25 24.00
N SER A 362 0.29 -5.26 23.12
CA SER A 362 -0.70 -6.32 23.09
C SER A 362 -0.30 -7.69 22.55
N ARG A 363 0.43 -7.68 21.44
CA ARG A 363 0.40 -8.77 20.49
C ARG A 363 1.65 -9.63 20.35
N GLY A 364 2.51 -9.64 21.35
CA GLY A 364 3.79 -10.30 21.21
C GLY A 364 4.68 -9.61 20.22
N TRP A 365 5.21 -10.33 19.26
CA TRP A 365 6.20 -9.72 18.37
C TRP A 365 5.69 -9.50 16.96
N GLY A 366 6.05 -8.37 16.39
CA GLY A 366 5.50 -7.92 15.14
C GLY A 366 6.53 -7.44 14.16
N VAL A 367 6.08 -7.18 12.94
CA VAL A 367 6.96 -6.73 11.86
C VAL A 367 6.46 -5.40 11.35
N ARG A 368 7.37 -4.44 11.17
CA ARG A 368 7.02 -3.18 10.53
C ARG A 368 8.11 -2.73 9.59
N CYS A 369 7.79 -1.72 8.78
CA CYS A 369 8.70 -1.13 7.82
C CYS A 369 8.94 0.33 8.23
N LEU A 370 10.18 0.81 8.11
CA LEU A 370 10.44 2.17 8.55
C LEU A 370 10.38 3.19 7.40
N LYS A 371 9.84 2.77 6.27
CA LYS A 371 9.53 3.72 5.19
C LYS A 371 8.14 3.41 4.64
N SER A 372 7.58 4.33 3.86
CA SER A 372 6.25 4.10 3.30
C SER A 372 6.32 3.01 2.25
N ILE A 373 5.32 2.14 2.27
CA ILE A 373 5.23 1.05 1.31
C ILE A 373 4.10 1.31 0.33
N PRO A 374 4.44 1.59 -0.94
CA PRO A 374 3.45 1.79 -2.00
C PRO A 374 2.58 0.56 -2.18
N ILE A 375 1.30 0.77 -2.50
CA ILE A 375 0.35 -0.33 -2.69
C ILE A 375 0.76 -1.24 -3.86
N GLY A 376 0.68 -2.55 -3.65
CA GLY A 376 1.09 -3.52 -4.67
C GLY A 376 2.51 -4.01 -4.49
N SER A 377 3.23 -3.45 -3.52
CA SER A 377 4.64 -3.80 -3.28
C SER A 377 4.80 -5.18 -2.69
N PHE A 378 5.85 -5.88 -3.10
CA PHE A 378 6.29 -7.12 -2.46
C PHE A 378 6.98 -6.87 -1.12
N ILE A 379 6.50 -7.53 -0.06
CA ILE A 379 7.11 -7.45 1.26
C ILE A 379 8.22 -8.52 1.50
N CYS A 380 7.80 -9.77 1.67
CA CYS A 380 8.71 -10.87 2.03
C CYS A 380 8.02 -12.20 1.82
N GLU A 381 8.79 -13.28 1.88
CA GLU A 381 8.24 -14.64 1.77
C GLU A 381 7.93 -15.19 3.16
N TYR A 382 6.86 -15.98 3.30
CA TYR A 382 6.70 -16.78 4.49
C TYR A 382 7.54 -18.04 4.33
N VAL A 383 8.75 -18.00 4.88
CA VAL A 383 9.70 -19.11 4.79
C VAL A 383 9.64 -19.96 6.04
N GLY A 384 9.62 -21.27 5.86
CA GLY A 384 9.67 -22.20 6.96
C GLY A 384 9.94 -23.55 6.36
N GLU A 385 9.54 -24.61 7.06
CA GLU A 385 9.65 -25.94 6.47
C GLU A 385 8.25 -26.43 6.13
N LEU A 386 8.15 -27.03 4.96
CA LEU A 386 6.88 -27.36 4.36
C LEU A 386 6.45 -28.77 4.76
N LEU A 387 5.18 -28.91 5.13
CA LEU A 387 4.66 -30.13 5.73
C LEU A 387 3.32 -30.45 5.12
N GLU A 388 3.08 -31.73 4.81
CA GLU A 388 1.74 -32.18 4.52
C GLU A 388 0.86 -31.75 5.68
N ASP A 389 -0.31 -31.18 5.40
CA ASP A 389 -1.21 -30.69 6.44
C ASP A 389 -1.55 -31.76 7.47
N SER A 390 -1.41 -33.03 7.07
CA SER A 390 -1.60 -34.16 7.96
C SER A 390 -0.75 -34.05 9.24
N GLU A 391 0.43 -33.43 9.11
CA GLU A 391 1.33 -33.29 10.25
C GLU A 391 1.24 -31.92 10.92
N ALA A 392 0.09 -31.66 11.54
CA ALA A 392 -0.01 -30.74 12.68
C ALA A 392 0.18 -31.63 13.92
N GLU A 393 0.81 -32.77 13.66
CA GLU A 393 1.21 -33.75 14.67
C GLU A 393 2.39 -33.27 15.49
N ARG A 394 3.06 -32.24 15.02
CA ARG A 394 4.29 -31.77 15.63
C ARG A 394 4.13 -31.22 17.04
N ARG A 395 3.07 -30.49 17.28
CA ARG A 395 2.70 -30.06 18.63
C ARG A 395 3.33 -28.74 19.14
N ILE A 396 4.32 -28.21 18.44
CA ILE A 396 4.98 -27.02 18.94
C ILE A 396 4.49 -25.80 18.21
N GLY A 397 4.55 -25.84 16.89
CA GLY A 397 4.10 -24.72 16.12
C GLY A 397 2.63 -24.89 15.93
N ASN A 398 1.84 -24.77 16.98
CA ASN A 398 0.42 -24.88 16.80
C ASN A 398 -0.10 -23.49 16.55
N ASP A 399 -0.44 -23.21 15.30
CA ASP A 399 -0.99 -21.91 14.98
C ASP A 399 0.11 -20.87 15.05
N GLU A 400 0.86 -20.91 16.13
CA GLU A 400 1.71 -19.81 16.54
C GLU A 400 2.76 -19.49 15.49
N TYR A 401 3.38 -20.51 14.92
CA TYR A 401 4.26 -20.25 13.80
C TYR A 401 3.93 -21.22 12.70
N LEU A 402 2.75 -21.06 12.15
CA LEU A 402 2.23 -21.99 11.17
C LEU A 402 1.47 -21.22 10.10
N PHE A 403 1.55 -21.67 8.85
CA PHE A 403 0.81 -21.01 7.78
C PHE A 403 0.21 -22.03 6.80
N ASP A 404 -1.12 -22.20 6.88
CA ASP A 404 -1.84 -23.10 5.99
C ASP A 404 -1.81 -22.49 4.59
N ILE A 405 -1.13 -23.15 3.66
CA ILE A 405 -1.01 -22.63 2.29
C ILE A 405 -2.39 -22.53 1.63
N GLY A 406 -2.77 -21.31 1.24
CA GLY A 406 -4.05 -21.05 0.59
C GLY A 406 -4.31 -21.77 -0.72
N ASN A 407 -5.34 -22.60 -0.70
CA ASN A 407 -5.81 -23.37 -1.85
C ASN A 407 -6.95 -22.68 -2.60
N ARG A 408 -7.83 -22.02 -1.85
CA ARG A 408 -9.10 -21.52 -2.38
C ARG A 408 -8.96 -20.19 -3.12
N TYR A 409 -9.94 -19.89 -3.97
CA TYR A 409 -9.97 -18.67 -4.76
C TYR A 409 -11.38 -18.39 -5.26
N ASP A 410 -11.66 -17.13 -5.51
CA ASP A 410 -12.96 -16.63 -5.92
C ASP A 410 -12.71 -15.55 -6.98
N ASN A 411 -13.40 -15.60 -8.11
CA ASN A 411 -13.10 -14.68 -9.20
C ASN A 411 -13.98 -13.41 -9.20
N SER A 412 -14.69 -13.17 -8.10
CA SER A 412 -15.61 -12.03 -7.99
C SER A 412 -14.91 -10.67 -8.13
N LEU A 413 -13.74 -10.52 -7.51
CA LEU A 413 -13.01 -9.26 -7.55
C LEU A 413 -12.47 -8.97 -8.95
N ALA A 414 -11.91 -10.02 -9.58
CA ALA A 414 -11.53 -9.94 -10.98
C ALA A 414 -12.74 -9.67 -11.87
N GLN A 415 -13.89 -10.26 -11.52
CA GLN A 415 -15.15 -10.01 -12.22
C GLN A 415 -15.46 -8.52 -12.17
N GLY A 416 -15.21 -7.91 -11.01
CA GLY A 416 -15.48 -6.48 -10.83
C GLY A 416 -14.53 -5.57 -11.58
N MET A 417 -13.23 -5.82 -11.42
CA MET A 417 -12.20 -5.06 -12.12
C MET A 417 -12.43 -5.13 -13.62
N SER A 418 -12.76 -6.34 -14.06
CA SER A 418 -13.12 -6.61 -15.43
C SER A 418 -14.30 -5.74 -15.85
N GLU A 419 -15.34 -5.70 -15.03
CA GLU A 419 -16.52 -4.92 -15.38
C GLU A 419 -16.24 -3.44 -15.51
N LEU A 420 -15.42 -2.93 -14.60
CA LEU A 420 -14.98 -1.55 -14.68
C LEU A 420 -14.25 -1.30 -16.01
N MET A 421 -13.23 -2.09 -16.29
CA MET A 421 -12.35 -1.82 -17.44
C MET A 421 -12.89 -2.14 -18.83
N LEU A 422 -13.77 -3.12 -18.93
CA LEU A 422 -14.19 -3.60 -20.24
C LEU A 422 -15.71 -3.67 -20.38
N GLY A 423 -16.41 -3.80 -19.25
CA GLY A 423 -17.85 -3.99 -19.25
C GLY A 423 -18.21 -5.46 -19.40
N THR A 424 -17.18 -6.31 -19.37
CA THR A 424 -17.34 -7.76 -19.53
C THR A 424 -16.86 -8.51 -18.28
N GLN A 425 -17.59 -9.57 -17.89
CA GLN A 425 -17.13 -10.50 -16.86
C GLN A 425 -17.04 -11.90 -17.40
N ALA A 426 -16.09 -12.69 -16.89
CA ALA A 426 -16.15 -14.14 -17.03
C ALA A 426 -17.23 -14.63 -16.08
N GLY A 427 -17.75 -15.84 -16.29
CA GLY A 427 -18.72 -16.38 -15.35
C GLY A 427 -18.09 -16.60 -14.00
N ARG A 428 -18.89 -16.64 -12.95
CA ARG A 428 -18.35 -16.83 -11.61
C ARG A 428 -17.84 -18.25 -11.46
N SER A 429 -16.60 -18.38 -10.97
CA SER A 429 -16.10 -19.69 -10.60
C SER A 429 -15.25 -19.61 -9.36
N MET A 430 -15.25 -20.69 -8.59
CA MET A 430 -14.49 -20.75 -7.36
C MET A 430 -13.65 -22.03 -7.32
N ALA A 431 -12.49 -21.95 -6.69
CA ALA A 431 -11.60 -23.12 -6.60
C ALA A 431 -11.29 -23.47 -5.17
N GLU A 432 -11.04 -24.75 -4.91
CA GLU A 432 -10.53 -25.21 -3.62
C GLU A 432 -9.62 -26.40 -3.82
N GLY A 433 -8.53 -26.46 -3.07
CA GLY A 433 -7.64 -27.59 -3.12
C GLY A 433 -8.31 -28.81 -2.55
N ASP A 434 -8.02 -29.95 -3.15
CA ASP A 434 -8.50 -31.23 -2.64
C ASP A 434 -7.97 -31.41 -1.22
N GLU A 435 -8.73 -32.08 -0.35
CA GLU A 435 -8.25 -32.29 1.01
C GLU A 435 -7.11 -33.30 1.02
N SER A 436 -6.99 -34.06 -0.08
CA SER A 436 -5.88 -34.97 -0.31
C SER A 436 -4.54 -34.32 0.04
N SER A 437 -4.27 -33.16 -0.56
CA SER A 437 -3.09 -32.39 -0.23
C SER A 437 -3.41 -30.95 0.10
N GLY A 438 -3.43 -30.65 1.39
CA GLY A 438 -3.22 -29.30 1.85
C GLY A 438 -1.78 -29.32 2.31
N PHE A 439 -1.09 -28.20 2.20
CA PHE A 439 0.25 -28.16 2.79
C PHE A 439 0.31 -26.96 3.71
N THR A 440 1.27 -26.98 4.63
CA THR A 440 1.38 -25.96 5.66
C THR A 440 2.87 -25.62 5.82
N ILE A 441 3.18 -24.39 6.22
CA ILE A 441 4.57 -23.98 6.43
C ILE A 441 4.81 -23.74 7.93
N ASP A 442 5.60 -24.60 8.56
CA ASP A 442 5.93 -24.49 9.97
C ASP A 442 7.21 -23.65 10.11
N ALA A 443 7.10 -22.55 10.85
CA ALA A 443 8.27 -21.71 11.12
C ALA A 443 8.64 -21.70 12.59
N ALA A 444 7.99 -22.56 13.38
CA ALA A 444 8.25 -22.63 14.81
C ALA A 444 9.71 -22.89 15.13
N SER A 445 10.35 -23.69 14.29
CA SER A 445 11.75 -24.04 14.45
C SER A 445 12.65 -23.25 13.49
N LYS A 446 12.29 -23.24 12.20
CA LYS A 446 13.09 -22.52 11.22
C LYS A 446 12.22 -21.66 10.32
N GLY A 447 12.68 -20.45 10.02
CA GLY A 447 11.95 -19.52 9.18
C GLY A 447 12.67 -18.21 8.97
N ASN A 448 12.05 -17.30 8.21
CA ASN A 448 12.57 -15.96 8.01
C ASN A 448 11.79 -14.90 8.83
N VAL A 449 11.79 -13.65 8.38
CA VAL A 449 11.09 -12.59 9.08
C VAL A 449 9.56 -12.76 8.98
N GLY A 450 9.10 -13.37 7.89
CA GLY A 450 7.67 -13.55 7.68
C GLY A 450 6.93 -14.28 8.80
N ARG A 451 7.68 -15.00 9.62
CA ARG A 451 7.11 -15.77 10.71
C ARG A 451 6.60 -14.88 11.84
N PHE A 452 7.04 -13.63 11.85
CA PHE A 452 6.67 -12.71 12.92
C PHE A 452 5.47 -11.83 12.56
N ILE A 453 4.99 -11.94 11.33
CA ILE A 453 3.84 -11.15 10.90
C ILE A 453 2.59 -11.62 11.64
N ASN A 454 1.86 -10.69 12.25
CA ASN A 454 0.67 -11.04 13.02
C ASN A 454 -0.60 -10.98 12.18
N HIS A 455 -1.70 -11.44 12.75
CA HIS A 455 -2.97 -11.52 12.03
C HIS A 455 -3.92 -10.37 12.37
N SER A 456 -4.70 -9.92 11.40
CA SER A 456 -5.61 -8.80 11.61
C SER A 456 -6.92 -8.92 10.83
N CYS A 457 -8.01 -8.44 11.43
CA CYS A 457 -9.33 -8.36 10.80
C CYS A 457 -9.36 -7.26 9.74
N SER A 458 -8.44 -6.31 9.83
CA SER A 458 -8.21 -5.35 8.76
C SER A 458 -6.73 -5.32 8.39
N PRO A 459 -6.30 -6.22 7.50
CA PRO A 459 -4.91 -6.36 7.07
C PRO A 459 -4.46 -5.39 5.98
N ASN A 460 -3.16 -5.08 5.96
CA ASN A 460 -2.57 -4.27 4.90
C ASN A 460 -1.72 -5.14 3.98
N LEU A 461 -1.67 -6.44 4.30
CA LEU A 461 -0.97 -7.44 3.51
C LEU A 461 -1.90 -8.56 3.04
N TYR A 462 -1.61 -9.11 1.86
CA TYR A 462 -2.30 -10.34 1.47
C TYR A 462 -1.30 -11.35 0.90
N ALA A 463 -1.63 -12.63 1.04
CA ALA A 463 -0.73 -13.71 0.60
C ALA A 463 -1.00 -14.11 -0.85
N GLN A 464 0.06 -14.22 -1.64
CA GLN A 464 -0.08 -14.58 -3.04
C GLN A 464 0.82 -15.77 -3.35
N ASN A 465 0.31 -16.74 -4.12
CA ASN A 465 1.10 -17.92 -4.44
C ASN A 465 1.93 -17.72 -5.71
N VAL A 466 3.25 -17.79 -5.60
CA VAL A 466 4.05 -17.71 -6.82
C VAL A 466 4.79 -19.02 -7.09
N LEU A 467 4.92 -19.33 -8.37
CA LEU A 467 5.70 -20.48 -8.80
C LEU A 467 6.90 -20.05 -9.63
N TYR A 468 8.07 -20.26 -9.06
CA TYR A 468 9.33 -20.38 -9.78
C TYR A 468 9.92 -21.62 -9.13
N ASP A 469 11.12 -22.03 -9.53
CA ASP A 469 11.79 -23.23 -8.99
C ASP A 469 11.14 -24.53 -9.46
N HIS A 470 9.81 -24.60 -9.42
CA HIS A 470 9.11 -25.84 -9.78
C HIS A 470 7.68 -25.56 -10.20
N GLU A 471 6.92 -26.59 -10.56
CA GLU A 471 5.57 -26.37 -11.07
C GLU A 471 4.48 -27.02 -10.18
N ASP A 472 4.88 -27.77 -9.13
CA ASP A 472 3.89 -28.30 -8.18
C ASP A 472 3.05 -27.16 -7.62
N SER A 473 1.77 -27.09 -8.00
CA SER A 473 0.93 -25.95 -7.61
C SER A 473 0.28 -26.16 -6.24
N ARG A 474 0.62 -27.26 -5.59
CA ARG A 474 0.12 -27.56 -4.26
C ARG A 474 1.13 -27.14 -3.20
N ILE A 475 2.33 -26.78 -3.66
CA ILE A 475 3.35 -26.24 -2.76
C ILE A 475 4.01 -24.97 -3.32
N PRO A 476 3.21 -23.95 -3.65
CA PRO A 476 3.76 -22.69 -4.17
C PRO A 476 4.54 -21.95 -3.12
N HIS A 477 5.23 -20.87 -3.50
CA HIS A 477 5.79 -19.98 -2.51
C HIS A 477 4.70 -18.99 -2.06
N VAL A 478 4.70 -18.65 -0.77
CA VAL A 478 3.76 -17.64 -0.25
C VAL A 478 4.46 -16.28 -0.14
N MET A 479 4.06 -15.37 -1.01
CA MET A 479 4.66 -14.05 -1.08
C MET A 479 3.68 -13.01 -0.59
N PHE A 480 4.07 -12.26 0.44
CA PHE A 480 3.19 -11.23 0.97
C PHE A 480 3.32 -9.97 0.10
N PHE A 481 2.18 -9.43 -0.31
CA PHE A 481 2.16 -8.17 -1.03
C PHE A 481 1.35 -7.19 -0.21
N ALA A 482 1.43 -5.90 -0.57
CA ALA A 482 0.72 -4.86 0.16
C ALA A 482 -0.55 -4.44 -0.55
N GLN A 483 -1.66 -4.42 0.18
CA GLN A 483 -2.92 -3.96 -0.43
C GLN A 483 -3.29 -2.54 -0.01
N ASP A 484 -2.43 -1.88 0.76
CA ASP A 484 -2.61 -0.46 1.05
C ASP A 484 -1.32 0.30 0.80
N ASN A 485 -1.43 1.60 0.56
CA ASN A 485 -0.29 2.46 0.80
C ASN A 485 -0.12 2.49 2.32
N ILE A 486 0.93 1.84 2.80
CA ILE A 486 1.10 1.64 4.24
C ILE A 486 2.00 2.72 4.80
N PRO A 487 1.51 3.46 5.80
CA PRO A 487 2.33 4.49 6.46
C PRO A 487 3.57 3.85 7.10
N PRO A 488 4.66 4.62 7.22
CA PRO A 488 5.86 4.11 7.90
C PRO A 488 5.54 3.65 9.31
N LEU A 489 6.17 2.55 9.77
CA LEU A 489 5.98 2.00 11.13
C LEU A 489 4.64 1.32 11.37
N GLN A 490 3.67 1.50 10.47
CA GLN A 490 2.40 0.81 10.64
C GLN A 490 2.68 -0.69 10.61
N GLU A 491 2.02 -1.43 11.51
CA GLU A 491 2.30 -2.85 11.65
C GLU A 491 1.83 -3.63 10.44
N LEU A 492 2.61 -4.64 10.07
CA LEU A 492 2.24 -5.46 8.95
C LEU A 492 1.42 -6.64 9.44
N CYS A 493 0.22 -6.81 8.87
CA CYS A 493 -0.62 -7.94 9.24
C CYS A 493 -1.40 -8.48 8.05
N TYR A 494 -1.70 -9.79 8.11
CA TYR A 494 -2.54 -10.46 7.10
C TYR A 494 -3.71 -11.16 7.79
N ASP A 495 -4.83 -11.30 7.09
CA ASP A 495 -5.98 -12.03 7.57
C ASP A 495 -5.93 -13.54 7.39
N TYR A 496 -6.87 -14.22 8.04
CA TYR A 496 -7.03 -15.68 7.98
C TYR A 496 -7.61 -16.18 6.68
N ASN A 497 -7.43 -17.47 6.43
CA ASN A 497 -7.71 -18.00 5.12
C ASN A 497 -9.16 -17.93 4.63
N TYR A 498 -10.10 -18.32 5.46
CA TYR A 498 -11.51 -18.25 5.10
C TYR A 498 -12.03 -19.42 4.30
N ALA A 499 -13.34 -19.54 4.22
CA ALA A 499 -13.96 -20.71 3.63
C ALA A 499 -14.54 -20.50 2.26
N LEU A 500 -14.57 -19.27 1.81
CA LEU A 500 -14.92 -19.00 0.43
C LEU A 500 -16.44 -19.02 0.27
N ASP A 501 -17.12 -19.47 1.31
CA ASP A 501 -18.53 -19.24 1.42
C ASP A 501 -18.82 -18.06 2.35
N GLN A 502 -17.77 -17.51 2.95
CA GLN A 502 -17.96 -16.46 3.91
C GLN A 502 -17.14 -15.24 3.61
N VAL A 503 -17.71 -14.07 3.84
CA VAL A 503 -17.04 -12.81 3.55
C VAL A 503 -17.24 -11.75 4.62
N ARG A 504 -16.30 -10.81 4.74
CA ARG A 504 -16.40 -9.77 5.76
C ARG A 504 -17.09 -8.52 5.23
N ASP A 505 -18.16 -8.09 5.92
CA ASP A 505 -18.93 -6.93 5.46
C ASP A 505 -18.32 -5.62 5.96
N SER A 506 -19.02 -4.50 5.74
CA SER A 506 -18.52 -3.17 6.12
C SER A 506 -18.08 -3.08 7.59
N LYS A 507 -18.88 -3.63 8.50
CA LYS A 507 -18.58 -3.56 9.92
C LYS A 507 -17.51 -4.58 10.38
N GLY A 508 -17.01 -5.38 9.45
CA GLY A 508 -15.94 -6.31 9.78
C GLY A 508 -16.45 -7.62 10.35
N ASN A 509 -17.75 -7.86 10.19
CA ASN A 509 -18.35 -9.12 10.63
C ASN A 509 -18.44 -10.17 9.51
N ILE A 510 -18.25 -11.44 9.89
CA ILE A 510 -18.35 -12.55 8.94
C ILE A 510 -19.82 -12.80 8.59
N LYS A 511 -20.11 -12.74 7.29
CA LYS A 511 -21.40 -13.11 6.74
C LYS A 511 -21.17 -14.14 5.67
N GLN A 512 -22.20 -14.48 4.93
CA GLN A 512 -22.03 -15.41 3.82
C GLN A 512 -22.25 -14.65 2.52
N LYS A 513 -21.48 -15.04 1.50
CA LYS A 513 -21.55 -14.40 0.20
C LYS A 513 -22.97 -14.47 -0.35
N LEU A 514 -23.38 -13.46 -1.15
CA LEU A 514 -24.69 -13.48 -1.80
C LEU A 514 -24.82 -14.66 -2.77
N CYS A 515 -26.01 -14.93 -3.30
CA CYS A 515 -26.21 -16.06 -4.21
C CYS A 515 -25.14 -16.15 -5.32
N PHE A 516 -24.70 -17.37 -5.59
CA PHE A 516 -23.72 -17.65 -6.64
C PHE A 516 -24.25 -17.21 -8.02
N CYS A 517 -25.59 -17.31 -8.16
CA CYS A 517 -26.30 -17.15 -9.43
C CYS A 517 -26.05 -18.34 -10.36
#